data_4ZA7
#
_entry.id   4ZA7
#
_cell.length_a   95.940
_cell.length_b   64.170
_cell.length_c   87.730
_cell.angle_alpha   90.00
_cell.angle_beta   90.00
_cell.angle_gamma   90.00
#
_symmetry.space_group_name_H-M   'P 21 21 2'
#
loop_
_entity.id
_entity.type
_entity.pdbx_description
1 polymer Fdc1
2 non-polymer '1-deoxy-5-O-phosphono-1-(3,3,4,5-tetramethyl-9,11-dioxo-2,3,8,9,10,11-hexahydro-7H-quinolino[1,8-fg]pteridin-12-ium-7-y l)-D-ribitol'
3 non-polymer 1-deoxy-5-O-phosphono-1-[(10aR)-2,2,3,4-tetramethyl-8,10-dioxo-1,2,8,9,10,10a-hexahydro-6H-indeno[1,7-ef]pyrimido[4,5-b][1,4]diazepin-6-yl]-D-ribitol
4 non-polymer 'MANGANESE (II) ION'
5 non-polymer 'POTASSIUM ION'
6 non-polymer '(2E)-2-methyl-3-phenylprop-2-enoic acid'
7 water water
#
_entity_poly.entity_id   1
_entity_poly.type   'polypeptide(L)'
_entity_poly.pdbx_seq_one_letter_code
;MSAQPAHLCFRSFVEALKVDNDLVEINTPIDPNLEAAAITRRVCETNDKAPLFNNLIGMKNGLFRILGAPGSLRKSSADR
YGRLARHLALPPTASMREILDKMLSASDMPPIPPTIVPTGPCKENSLDDSEFDLTELPVPLIHKSDGGKYIQTYGMHIVQ
SPDGTWTNWSIARAMVHDKNHLTGLVIPPQHIWQIHQMWKKEGRSDVPWALAFGVPPAAIMASSMPIPDGVTEAGYVGAM
TGSSLELVKCDTNDLYVPATSEIVLEGTLSISETGPEGPFGEMHGYIFPGDTHLGAKYKVNRITYRNNAIMPMSSCGRLT
DETHTMIGSLAAAEIRKLCQQNDLPITDAFAPFESQVTWVALRVDTEKLRAMKTTSEGFRKRVGDVVFNHKAGYTIHRLV
LVGDDIDVYEGKDVLWAFSTRCRPGMDETLFEDVRGFPLIPYMGHGNGPAHRGGKVVSDALMPTEYTTGRNWEAADFNQS
YPEDLKQKVLDNWTKMGFSNLEHHHHHH
;
_entity_poly.pdbx_strand_id   A
#
loop_
_chem_comp.id
_chem_comp.type
_chem_comp.name
_chem_comp.formula
4LU non-polymer '1-deoxy-5-O-phosphono-1-(3,3,4,5-tetramethyl-9,11-dioxo-2,3,8,9,10,11-hexahydro-7H-quinolino[1,8-fg]pteridin-12-ium-7-y l)-D-ribitol' 'C22 H30 N4 O9 P 1'
4LV non-polymer '(2E)-2-methyl-3-phenylprop-2-enoic acid' 'C10 H10 O2'
FZZ non-polymer 1-deoxy-5-O-phosphono-1-[(10aR)-2,2,3,4-tetramethyl-8,10-dioxo-1,2,8,9,10,10a-hexahydro-6H-indeno[1,7-ef]pyrimido[4,5-b][1,4]diazepin-6-yl]-D-ribitol 'C22 H29 N4 O9 P'
K non-polymer 'POTASSIUM ION' 'K 1'
MN non-polymer 'MANGANESE (II) ION' 'Mn 2'
#
# COMPACT_ATOMS: atom_id res chain seq x y z
N GLN A 4 -18.17 -8.10 15.29
CA GLN A 4 -17.82 -7.75 13.88
C GLN A 4 -16.63 -8.51 13.38
N PRO A 5 -16.68 -9.01 12.16
CA PRO A 5 -15.53 -9.69 11.69
C PRO A 5 -14.28 -8.86 11.56
N ALA A 6 -13.12 -9.53 11.62
CA ALA A 6 -11.84 -8.85 11.59
C ALA A 6 -11.65 -7.99 10.36
N HIS A 7 -12.13 -8.41 9.20
CA HIS A 7 -11.90 -7.63 7.99
C HIS A 7 -12.80 -6.38 7.89
N LEU A 8 -13.82 -6.33 8.75
CA LEU A 8 -14.83 -5.29 8.78
C LEU A 8 -14.73 -4.38 9.94
N CYS A 9 -13.82 -4.60 10.87
CA CYS A 9 -13.72 -3.86 12.09
C CYS A 9 -12.29 -3.90 12.67
N PHE A 10 -11.66 -2.74 12.72
CA PHE A 10 -10.26 -2.67 13.17
C PHE A 10 -10.06 -3.23 14.56
N ARG A 11 -10.99 -2.98 15.50
CA ARG A 11 -10.85 -3.51 16.84
C ARG A 11 -10.83 -5.03 16.80
N SER A 12 -11.66 -5.67 15.96
CA SER A 12 -11.62 -7.11 15.78
C SER A 12 -10.34 -7.62 15.11
N PHE A 13 -9.83 -6.84 14.16
CA PHE A 13 -8.55 -7.13 13.56
C PHE A 13 -7.43 -7.25 14.58
N VAL A 14 -7.40 -6.29 15.50
CA VAL A 14 -6.37 -6.33 16.58
C VAL A 14 -6.52 -7.61 17.36
N GLU A 15 -7.77 -7.96 17.72
N GLU A 15 -7.76 -7.95 17.73
CA GLU A 15 -8.04 -9.29 18.38
CA GLU A 15 -7.94 -9.21 18.47
C GLU A 15 -7.54 -10.39 17.56
C GLU A 15 -7.56 -10.39 17.58
N ALA A 16 -7.75 -10.41 16.26
CA ALA A 16 -7.31 -11.45 15.42
C ALA A 16 -5.80 -11.62 15.47
N LEU A 17 -5.07 -10.52 15.43
CA LEU A 17 -3.61 -10.55 15.55
C LEU A 17 -3.20 -11.21 16.86
N LYS A 18 -3.88 -10.85 17.94
N LYS A 18 -3.89 -10.84 17.94
CA LYS A 18 -3.56 -11.50 19.23
CA LYS A 18 -3.62 -11.45 19.26
C LYS A 18 -3.80 -13.00 19.13
C LYS A 18 -3.83 -12.98 19.16
N VAL A 19 -4.92 -13.40 18.63
N VAL A 19 -4.93 -13.46 18.63
CA VAL A 19 -5.25 -14.79 18.59
CA VAL A 19 -5.13 -14.89 18.67
C VAL A 19 -4.25 -15.52 17.71
C VAL A 19 -4.25 -15.61 17.64
N ASP A 20 -3.75 -14.92 16.66
CA ASP A 20 -2.76 -15.46 15.77
C ASP A 20 -1.37 -15.56 16.38
N ASN A 21 -1.19 -15.11 17.63
CA ASN A 21 0.16 -15.00 18.20
C ASN A 21 1.03 -14.14 17.34
N ASP A 22 0.44 -13.03 16.85
CA ASP A 22 1.09 -12.13 15.97
C ASP A 22 1.09 -10.73 16.48
N LEU A 23 1.02 -10.54 17.80
N LEU A 23 1.03 -10.56 17.79
CA LEU A 23 0.85 -9.27 18.50
CA LEU A 23 0.98 -9.28 18.38
C LEU A 23 1.67 -9.30 19.71
C LEU A 23 1.58 -9.24 19.74
N VAL A 24 2.35 -8.23 20.06
CA VAL A 24 3.00 -7.98 21.37
C VAL A 24 2.35 -6.78 21.94
N GLU A 25 1.71 -6.96 23.10
CA GLU A 25 1.14 -5.86 23.83
C GLU A 25 2.16 -5.29 24.80
N ILE A 26 2.39 -3.98 24.73
N ILE A 26 2.42 -3.98 24.69
CA ILE A 26 3.33 -3.30 25.54
CA ILE A 26 3.35 -3.21 25.53
C ILE A 26 2.55 -2.37 26.46
C ILE A 26 2.54 -2.35 26.46
N ASN A 27 2.49 -2.74 27.75
CA ASN A 27 1.64 -2.08 28.68
C ASN A 27 2.38 -1.12 29.59
N THR A 28 3.67 -1.01 29.44
CA THR A 28 4.49 -0.05 30.16
C THR A 28 4.65 1.22 29.31
N PRO A 29 5.05 2.34 29.91
CA PRO A 29 5.05 3.60 29.11
C PRO A 29 6.04 3.58 28.01
N ILE A 30 5.60 4.02 26.85
CA ILE A 30 6.39 4.14 25.63
C ILE A 30 6.24 5.54 25.08
N ASP A 31 7.34 6.15 24.66
CA ASP A 31 7.36 7.52 24.19
C ASP A 31 6.93 7.57 22.72
N PRO A 32 5.93 8.38 22.34
CA PRO A 32 5.66 8.59 20.95
C PRO A 32 6.76 9.35 20.23
N ASN A 33 7.57 10.09 20.97
CA ASN A 33 8.75 10.72 20.37
C ASN A 33 9.81 9.64 20.14
N LEU A 34 9.82 9.11 18.93
CA LEU A 34 10.74 8.14 18.39
C LEU A 34 10.67 6.71 18.91
N GLU A 35 10.37 6.46 20.21
CA GLU A 35 10.49 5.12 20.72
C GLU A 35 9.48 4.13 20.10
N ALA A 36 8.18 4.54 20.01
CA ALA A 36 7.16 3.67 19.41
C ALA A 36 7.59 3.28 17.98
N ALA A 37 8.01 4.32 17.22
CA ALA A 37 8.37 4.09 15.84
C ALA A 37 9.68 3.28 15.72
N ALA A 38 10.64 3.42 16.64
CA ALA A 38 11.86 2.64 16.59
C ALA A 38 11.61 1.19 16.80
N ILE A 39 10.72 0.88 17.78
CA ILE A 39 10.33 -0.49 18.03
C ILE A 39 9.64 -1.05 16.76
N THR A 40 8.71 -0.27 16.20
CA THR A 40 8.01 -0.71 14.99
C THR A 40 8.93 -0.91 13.80
N ARG A 41 9.91 0.00 13.66
CA ARG A 41 10.91 -0.13 12.59
C ARG A 41 11.67 -1.42 12.72
N ARG A 42 12.08 -1.75 13.94
N ARG A 42 12.07 -1.77 13.94
CA ARG A 42 12.82 -2.99 14.16
CA ARG A 42 12.81 -3.01 14.10
C ARG A 42 11.93 -4.21 13.86
C ARG A 42 11.93 -4.22 13.85
N VAL A 43 10.64 -4.15 14.24
CA VAL A 43 9.67 -5.18 13.87
C VAL A 43 9.67 -5.41 12.36
N CYS A 44 9.53 -4.30 11.64
CA CYS A 44 9.42 -4.38 10.19
C CYS A 44 10.69 -4.92 9.52
N GLU A 45 11.84 -4.55 10.07
CA GLU A 45 13.12 -5.05 9.50
C GLU A 45 13.36 -6.47 9.81
N THR A 46 12.69 -7.08 10.80
CA THR A 46 12.89 -8.43 11.23
C THR A 46 11.69 -9.35 11.09
N ASN A 47 10.58 -8.79 10.55
CA ASN A 47 9.34 -9.56 10.34
C ASN A 47 8.78 -10.13 11.66
N ASP A 48 8.93 -9.34 12.71
CA ASP A 48 8.43 -9.75 14.04
C ASP A 48 6.93 -9.46 14.21
N LYS A 49 6.40 -9.79 15.36
CA LYS A 49 4.99 -9.59 15.73
C LYS A 49 4.67 -8.10 15.74
N ALA A 50 3.44 -7.69 15.43
CA ALA A 50 3.04 -6.32 15.47
C ALA A 50 2.99 -5.82 16.89
N PRO A 51 3.46 -4.60 17.15
CA PRO A 51 3.44 -3.98 18.51
C PRO A 51 2.18 -3.21 18.75
N LEU A 52 1.53 -3.42 19.90
CA LEU A 52 0.39 -2.66 20.35
C LEU A 52 0.81 -1.94 21.58
N PHE A 53 0.94 -0.63 21.52
CA PHE A 53 1.37 0.27 22.53
C PHE A 53 0.13 0.77 23.31
N ASN A 54 -0.14 0.13 24.47
CA ASN A 54 -1.29 0.41 25.26
C ASN A 54 -1.08 1.50 26.28
N ASN A 55 0.13 2.01 26.43
CA ASN A 55 0.50 2.97 27.45
C ASN A 55 1.46 4.01 26.86
N LEU A 56 0.94 4.85 26.04
N LEU A 56 0.96 4.92 26.06
CA LEU A 56 1.64 5.81 25.28
CA LEU A 56 1.76 5.95 25.36
C LEU A 56 1.84 7.14 26.13
C LEU A 56 1.83 7.17 26.12
N ILE A 57 3.02 7.64 26.27
CA ILE A 57 3.29 8.85 27.04
C ILE A 57 2.67 10.13 26.35
N GLY A 58 1.71 10.74 27.01
CA GLY A 58 0.97 11.83 26.50
C GLY A 58 -0.45 11.47 26.11
N MET A 59 -0.83 10.14 26.29
N MET A 59 -0.85 10.20 26.18
CA MET A 59 -2.26 9.67 26.08
CA MET A 59 -2.25 9.97 26.00
C MET A 59 -3.11 10.29 27.18
C MET A 59 -3.00 10.86 26.94
N LYS A 60 -4.23 10.88 26.73
CA LYS A 60 -5.19 11.58 27.63
C LYS A 60 -6.57 11.41 27.03
N ASN A 61 -7.46 11.13 27.98
CA ASN A 61 -8.90 11.07 27.74
C ASN A 61 -9.23 10.14 26.60
N GLY A 62 -8.44 9.10 26.49
CA GLY A 62 -8.64 8.02 25.58
C GLY A 62 -7.96 8.13 24.21
N LEU A 63 -7.25 9.21 24.00
CA LEU A 63 -6.51 9.39 22.72
C LEU A 63 -4.99 9.37 23.01
N PHE A 64 -4.26 8.38 22.58
CA PHE A 64 -4.69 7.19 21.90
C PHE A 64 -3.61 6.10 22.19
N ARG A 65 -3.95 4.86 21.91
CA ARG A 65 -3.01 3.76 21.82
C ARG A 65 -2.47 3.71 20.38
N ILE A 66 -1.40 2.97 20.11
CA ILE A 66 -0.89 2.84 18.77
C ILE A 66 -0.72 1.33 18.44
N LEU A 67 -1.12 0.93 17.24
CA LEU A 67 -0.74 -0.35 16.65
C LEU A 67 0.26 -0.10 15.55
N GLY A 68 1.48 -0.60 15.68
CA GLY A 68 2.44 -0.51 14.59
C GLY A 68 2.38 -1.70 13.68
N ALA A 69 2.97 -1.53 12.46
CA ALA A 69 3.18 -2.62 11.54
C ALA A 69 1.91 -3.44 11.19
N PRO A 70 0.79 -2.70 10.96
CA PRO A 70 -0.45 -3.45 10.68
C PRO A 70 -0.49 -4.34 9.43
N GLY A 71 0.33 -3.99 8.42
CA GLY A 71 0.34 -4.69 7.16
C GLY A 71 1.68 -5.23 6.77
N SER A 72 2.56 -5.45 7.76
CA SER A 72 3.89 -5.93 7.53
C SER A 72 3.94 -7.46 7.54
N LEU A 73 5.15 -8.00 7.31
CA LEU A 73 5.31 -9.43 7.09
C LEU A 73 5.54 -10.24 8.34
N ARG A 74 5.11 -11.48 8.32
CA ARG A 74 5.42 -12.43 9.35
C ARG A 74 6.68 -13.20 8.97
N LYS A 75 7.33 -13.79 10.01
CA LYS A 75 8.63 -14.47 9.80
C LYS A 75 8.56 -15.72 8.96
N SER A 76 7.59 -16.52 9.28
N SER A 76 7.58 -16.50 9.29
CA SER A 76 7.51 -17.78 8.56
CA SER A 76 7.38 -17.79 8.66
C SER A 76 7.09 -17.66 7.14
C SER A 76 7.05 -17.68 7.19
N SER A 77 7.58 -18.51 6.29
CA SER A 77 7.18 -18.57 4.91
C SER A 77 5.71 -18.94 4.80
N ALA A 78 5.25 -19.85 5.61
CA ALA A 78 3.91 -20.42 5.37
C ALA A 78 2.82 -19.36 5.52
N ASP A 79 3.02 -18.45 6.48
CA ASP A 79 2.03 -17.38 6.74
C ASP A 79 2.66 -16.02 6.56
N ARG A 80 3.60 -15.85 5.69
CA ARG A 80 4.31 -14.64 5.46
C ARG A 80 3.36 -13.47 5.27
N TYR A 81 2.28 -13.61 4.52
CA TYR A 81 1.36 -12.52 4.23
C TYR A 81 0.11 -12.60 5.10
N GLY A 82 0.21 -13.26 6.24
CA GLY A 82 -0.95 -13.43 7.07
C GLY A 82 -1.62 -12.19 7.56
N ARG A 83 -0.86 -11.14 7.85
CA ARG A 83 -1.46 -9.89 8.29
C ARG A 83 -2.32 -9.26 7.19
N LEU A 84 -1.87 -9.33 5.95
N LEU A 84 -1.90 -9.33 5.94
CA LEU A 84 -2.67 -8.89 4.83
CA LEU A 84 -2.72 -8.92 4.76
C LEU A 84 -3.88 -9.78 4.67
C LEU A 84 -3.91 -9.81 4.62
N ALA A 85 -3.74 -11.13 4.78
CA ALA A 85 -4.86 -12.03 4.71
C ALA A 85 -5.92 -11.67 5.72
N ARG A 86 -5.52 -11.28 6.91
CA ARG A 86 -6.46 -10.86 7.98
C ARG A 86 -7.19 -9.57 7.67
N HIS A 87 -6.71 -8.78 6.73
CA HIS A 87 -7.47 -7.63 6.27
C HIS A 87 -8.64 -8.04 5.38
N LEU A 88 -8.72 -9.29 4.91
CA LEU A 88 -9.56 -9.66 3.80
C LEU A 88 -10.38 -10.92 4.02
N ALA A 89 -10.35 -11.49 5.24
CA ALA A 89 -11.10 -12.71 5.56
C ALA A 89 -10.50 -13.96 4.89
N LEU A 90 -9.25 -13.86 4.39
CA LEU A 90 -8.59 -14.98 3.76
C LEU A 90 -7.86 -15.83 4.79
N PRO A 91 -7.65 -17.11 4.52
CA PRO A 91 -6.79 -17.87 5.42
C PRO A 91 -5.43 -17.29 5.58
N PRO A 92 -4.79 -17.45 6.74
CA PRO A 92 -3.49 -16.78 6.99
C PRO A 92 -2.36 -17.32 6.11
N THR A 93 -2.54 -18.45 5.51
CA THR A 93 -1.61 -19.03 4.58
C THR A 93 -1.82 -18.61 3.14
N ALA A 94 -2.70 -17.68 2.90
CA ALA A 94 -3.01 -17.25 1.56
C ALA A 94 -1.73 -16.76 0.81
N SER A 95 -1.64 -17.07 -0.44
CA SER A 95 -0.57 -16.61 -1.27
C SER A 95 -0.80 -15.17 -1.70
N MET A 96 0.28 -14.54 -2.14
N MET A 96 0.29 -14.53 -2.12
CA MET A 96 0.11 -13.22 -2.74
CA MET A 96 0.11 -13.20 -2.72
C MET A 96 -0.83 -13.23 -3.94
C MET A 96 -0.82 -13.22 -3.94
N ARG A 97 -0.76 -14.26 -4.80
CA ARG A 97 -1.68 -14.34 -5.90
C ARG A 97 -3.13 -14.30 -5.40
N GLU A 98 -3.44 -15.07 -4.33
CA GLU A 98 -4.78 -15.10 -3.77
C GLU A 98 -5.20 -13.77 -3.18
N ILE A 99 -4.29 -13.08 -2.51
CA ILE A 99 -4.55 -11.75 -1.97
C ILE A 99 -4.85 -10.74 -3.06
N LEU A 100 -4.01 -10.72 -4.09
CA LEU A 100 -4.21 -9.78 -5.19
C LEU A 100 -5.49 -10.13 -5.98
N ASP A 101 -5.77 -11.40 -6.16
CA ASP A 101 -7.01 -11.78 -6.82
C ASP A 101 -8.21 -11.30 -6.00
N LYS A 102 -8.14 -11.40 -4.70
CA LYS A 102 -9.24 -10.91 -3.88
C LYS A 102 -9.42 -9.41 -4.06
N MET A 103 -8.30 -8.66 -4.07
CA MET A 103 -8.34 -7.20 -4.27
C MET A 103 -8.85 -6.82 -5.67
N LEU A 104 -8.68 -7.64 -6.68
CA LEU A 104 -9.15 -7.38 -8.01
C LEU A 104 -10.58 -7.86 -8.26
N SER A 105 -11.08 -8.73 -7.39
CA SER A 105 -12.33 -9.40 -7.63
C SER A 105 -13.53 -8.51 -7.90
N ALA A 106 -13.55 -7.37 -7.23
CA ALA A 106 -14.66 -6.42 -7.35
C ALA A 106 -14.64 -5.66 -8.64
N SER A 107 -13.56 -5.74 -9.41
N SER A 107 -13.55 -5.72 -9.40
CA SER A 107 -13.46 -5.01 -10.66
CA SER A 107 -13.48 -4.95 -10.62
C SER A 107 -14.41 -5.52 -11.75
C SER A 107 -14.64 -5.26 -11.54
N ASP A 108 -14.96 -6.71 -11.67
N ASP A 108 -14.87 -6.58 -11.62
CA ASP A 108 -16.05 -6.99 -12.61
CA ASP A 108 -15.89 -7.28 -12.47
C ASP A 108 -17.22 -7.55 -11.81
C ASP A 108 -17.35 -7.28 -11.96
N MET A 109 -17.53 -6.80 -10.74
CA MET A 109 -18.76 -6.94 -10.00
C MET A 109 -19.49 -5.62 -9.91
N PRO A 110 -20.84 -5.68 -9.80
CA PRO A 110 -21.59 -4.47 -9.44
C PRO A 110 -21.12 -3.98 -8.09
N PRO A 111 -20.95 -2.63 -7.90
CA PRO A 111 -20.69 -2.15 -6.54
C PRO A 111 -21.80 -2.57 -5.60
N ILE A 112 -21.46 -2.65 -4.31
CA ILE A 112 -22.45 -2.78 -3.26
C ILE A 112 -22.34 -1.55 -2.42
N PRO A 113 -23.25 -0.59 -2.62
CA PRO A 113 -23.10 0.69 -1.94
C PRO A 113 -23.22 0.55 -0.44
N PRO A 114 -22.69 1.52 0.31
CA PRO A 114 -22.71 1.46 1.76
C PRO A 114 -24.11 1.68 2.31
N THR A 115 -24.29 1.28 3.54
CA THR A 115 -25.51 1.44 4.32
C THR A 115 -25.27 2.43 5.40
N ILE A 116 -26.22 3.40 5.54
CA ILE A 116 -26.11 4.45 6.52
C ILE A 116 -26.73 3.97 7.76
N VAL A 117 -26.08 4.02 8.88
CA VAL A 117 -26.61 3.72 10.18
C VAL A 117 -26.53 4.96 11.06
N PRO A 118 -27.40 5.02 12.07
CA PRO A 118 -27.48 6.25 12.90
C PRO A 118 -26.34 6.51 13.83
N THR A 119 -25.59 5.47 14.26
CA THR A 119 -24.47 5.68 15.18
C THR A 119 -23.54 4.49 15.07
N GLY A 120 -22.43 4.62 15.76
CA GLY A 120 -21.48 3.51 15.86
C GLY A 120 -20.45 3.83 16.88
N PRO A 121 -19.50 2.91 17.11
CA PRO A 121 -18.46 3.15 18.08
C PRO A 121 -17.64 4.40 17.95
N CYS A 122 -17.48 4.86 16.72
CA CYS A 122 -16.71 6.07 16.47
C CYS A 122 -17.28 7.30 17.07
N LYS A 123 -18.56 7.23 17.55
CA LYS A 123 -19.25 8.35 18.18
C LYS A 123 -19.22 8.27 19.71
N GLU A 124 -18.50 7.33 20.25
CA GLU A 124 -18.45 7.14 21.73
C GLU A 124 -17.94 8.39 22.40
N ASN A 125 -17.02 9.14 21.82
CA ASN A 125 -16.47 10.29 22.46
C ASN A 125 -16.30 11.36 21.37
N SER A 126 -16.36 12.63 21.78
CA SER A 126 -16.14 13.72 20.86
C SER A 126 -15.43 14.88 21.51
N LEU A 127 -14.75 15.70 20.66
CA LEU A 127 -14.05 16.87 21.10
C LEU A 127 -14.33 17.93 20.03
N ASP A 128 -14.98 19.01 20.45
CA ASP A 128 -15.16 20.12 19.60
C ASP A 128 -13.91 20.97 19.51
N ASP A 129 -14.04 22.04 18.69
N ASP A 129 -14.02 22.04 18.70
CA ASP A 129 -12.89 22.90 18.43
CA ASP A 129 -12.87 22.93 18.47
C ASP A 129 -12.35 23.79 19.58
C ASP A 129 -12.17 23.56 19.73
N SER A 130 -12.99 23.77 20.76
CA SER A 130 -12.52 24.39 21.98
C SER A 130 -11.90 23.35 22.88
N GLU A 131 -11.95 22.04 22.53
CA GLU A 131 -11.54 20.98 23.44
C GLU A 131 -10.39 20.13 22.99
N PHE A 132 -9.92 20.26 21.77
CA PHE A 132 -8.73 19.52 21.39
C PHE A 132 -7.65 20.43 20.96
N ASP A 133 -6.45 19.91 21.02
CA ASP A 133 -5.25 20.57 20.45
C ASP A 133 -4.35 19.48 19.92
N LEU A 134 -4.16 19.45 18.61
CA LEU A 134 -3.41 18.37 17.97
C LEU A 134 -1.97 18.28 18.43
N THR A 135 -1.45 19.43 18.87
CA THR A 135 -0.11 19.47 19.39
C THR A 135 0.01 18.87 20.80
N GLU A 136 -1.12 18.58 21.44
CA GLU A 136 -1.14 18.01 22.77
C GLU A 136 -1.45 16.54 22.75
N LEU A 137 -1.74 15.92 21.64
CA LEU A 137 -1.95 14.52 21.51
C LEU A 137 -0.65 13.78 21.38
N PRO A 138 -0.59 12.45 21.60
CA PRO A 138 0.69 11.67 21.54
C PRO A 138 0.98 11.24 20.12
N VAL A 139 1.02 12.21 19.23
CA VAL A 139 1.33 11.98 17.86
C VAL A 139 2.81 11.61 17.73
N PRO A 140 3.13 10.56 16.98
CA PRO A 140 4.53 10.12 16.93
C PRO A 140 5.40 10.95 16.07
N LEU A 141 6.66 11.10 16.53
CA LEU A 141 7.78 11.45 15.68
C LEU A 141 8.32 10.10 15.19
N ILE A 142 8.22 9.84 13.91
CA ILE A 142 8.50 8.50 13.34
C ILE A 142 9.96 8.29 12.99
N HIS A 143 10.64 9.30 12.48
CA HIS A 143 12.06 9.26 12.14
C HIS A 143 12.69 10.49 12.71
N LYS A 144 13.96 10.42 13.16
N LYS A 144 13.96 10.45 13.18
CA LYS A 144 14.54 11.51 13.93
CA LYS A 144 14.50 11.60 13.95
C LYS A 144 14.61 12.84 13.17
C LYS A 144 14.54 12.89 13.15
N SER A 145 14.74 12.82 11.83
CA SER A 145 14.84 13.97 10.99
C SER A 145 13.52 14.41 10.37
N ASP A 146 12.42 13.78 10.74
CA ASP A 146 11.12 14.18 10.14
C ASP A 146 10.83 15.63 10.46
N GLY A 147 10.15 16.31 9.52
CA GLY A 147 9.80 17.71 9.68
C GLY A 147 8.55 17.96 10.45
N GLY A 148 7.94 16.95 11.05
CA GLY A 148 6.74 17.09 11.86
C GLY A 148 6.38 15.73 12.42
N LYS A 149 5.35 15.75 13.26
N LYS A 149 5.34 15.78 13.26
CA LYS A 149 4.80 14.56 13.86
CA LYS A 149 4.75 14.64 13.91
C LYS A 149 3.71 14.04 12.97
C LYS A 149 3.70 14.06 12.95
N TYR A 150 3.96 12.89 12.36
CA TYR A 150 3.10 12.30 11.33
C TYR A 150 1.99 11.50 11.96
N ILE A 151 0.91 12.19 12.25
CA ILE A 151 -0.32 11.58 12.76
C ILE A 151 -0.89 10.62 11.78
N GLN A 152 -0.74 10.90 10.49
CA GLN A 152 -1.44 10.16 9.46
C GLN A 152 -0.49 9.37 8.61
N THR A 153 -0.39 8.10 8.94
CA THR A 153 0.31 7.10 8.17
C THR A 153 -0.49 5.86 7.81
N TYR A 154 -1.72 5.71 8.39
CA TYR A 154 -2.50 4.51 8.09
C TYR A 154 -3.99 4.76 8.24
N GLY A 155 -4.41 6.02 8.19
CA GLY A 155 -5.81 6.39 8.07
C GLY A 155 -6.20 6.65 6.66
N MET A 156 -7.50 6.83 6.47
CA MET A 156 -8.12 6.99 5.16
C MET A 156 -8.72 8.42 5.07
N HIS A 157 -8.23 9.17 4.10
CA HIS A 157 -8.83 10.45 3.72
C HIS A 157 -10.07 10.15 2.92
N ILE A 158 -11.14 10.92 3.25
CA ILE A 158 -12.43 10.88 2.59
C ILE A 158 -12.74 12.24 1.98
N VAL A 159 -12.86 12.29 0.67
CA VAL A 159 -13.25 13.52 -0.04
C VAL A 159 -14.20 13.06 -1.15
N GLN A 160 -15.07 14.02 -1.54
CA GLN A 160 -16.11 13.72 -2.52
C GLN A 160 -16.07 14.81 -3.62
N SER A 161 -16.32 14.38 -4.84
CA SER A 161 -16.40 15.35 -5.91
C SER A 161 -17.48 16.38 -5.66
N PRO A 162 -17.37 17.60 -6.20
CA PRO A 162 -18.40 18.61 -5.98
C PRO A 162 -19.78 18.17 -6.37
N ASP A 163 -19.92 17.36 -7.41
CA ASP A 163 -21.23 16.92 -7.86
C ASP A 163 -21.77 15.78 -7.05
N GLY A 164 -21.01 15.21 -6.09
CA GLY A 164 -21.50 14.17 -5.24
C GLY A 164 -21.36 12.80 -5.78
N THR A 165 -20.94 12.60 -6.97
CA THR A 165 -21.03 11.29 -7.58
C THR A 165 -19.89 10.35 -7.34
N TRP A 166 -18.76 10.86 -6.78
CA TRP A 166 -17.58 10.04 -6.50
C TRP A 166 -17.11 10.43 -5.10
N THR A 167 -17.04 9.40 -4.23
CA THR A 167 -16.43 9.58 -2.91
C THR A 167 -15.15 8.69 -2.87
N ASN A 168 -14.01 9.36 -2.73
CA ASN A 168 -12.73 8.64 -2.74
C ASN A 168 -12.26 8.42 -1.36
N TRP A 169 -11.69 7.21 -1.13
CA TRP A 169 -10.99 6.82 0.10
C TRP A 169 -9.52 6.45 -0.32
N SER A 170 -8.59 7.14 0.37
CA SER A 170 -7.17 6.89 0.05
C SER A 170 -6.30 7.22 1.22
N ILE A 171 -5.10 6.60 1.25
CA ILE A 171 -4.04 6.97 2.19
C ILE A 171 -3.15 7.98 1.51
N ALA A 172 -2.90 9.07 2.23
CA ALA A 172 -1.85 10.10 1.88
C ALA A 172 -1.30 10.58 3.20
N ARG A 173 -0.01 10.82 3.33
CA ARG A 173 0.58 11.17 4.61
C ARG A 173 0.10 12.58 5.04
N ALA A 174 0.12 12.81 6.35
CA ALA A 174 -0.12 14.11 6.88
C ALA A 174 0.50 14.22 8.28
N MET A 175 0.95 15.45 8.58
CA MET A 175 1.58 15.79 9.84
C MET A 175 0.89 16.97 10.50
N VAL A 176 1.07 17.04 11.82
CA VAL A 176 0.49 18.17 12.57
C VAL A 176 1.20 19.51 12.24
N HIS A 177 0.42 20.49 11.87
CA HIS A 177 0.89 21.87 11.63
C HIS A 177 0.76 22.74 12.89
N ASP A 178 -0.43 22.71 13.50
CA ASP A 178 -0.70 23.46 14.70
C ASP A 178 -1.87 22.84 15.40
N LYS A 179 -2.42 23.55 16.39
CA LYS A 179 -3.46 22.95 17.19
C LYS A 179 -4.65 22.37 16.47
N ASN A 180 -4.95 22.97 15.30
CA ASN A 180 -6.13 22.59 14.55
C ASN A 180 -5.86 22.42 13.06
N HIS A 181 -4.62 22.20 12.62
CA HIS A 181 -4.38 21.99 11.22
C HIS A 181 -3.33 20.89 11.07
N LEU A 182 -3.43 20.23 9.91
CA LEU A 182 -2.44 19.31 9.38
C LEU A 182 -1.88 19.87 8.06
N THR A 183 -0.68 19.42 7.68
CA THR A 183 -0.20 19.56 6.31
C THR A 183 0.06 18.18 5.79
N GLY A 184 -0.05 18.01 4.47
CA GLY A 184 0.21 16.73 3.85
C GLY A 184 0.45 16.78 2.40
N LEU A 185 0.78 15.64 1.79
N LEU A 185 0.69 15.64 1.81
CA LEU A 185 0.95 15.47 0.34
CA LEU A 185 1.05 15.50 0.45
C LEU A 185 -0.33 15.31 -0.37
C LEU A 185 -0.25 15.28 -0.38
N VAL A 186 -0.57 16.19 -1.31
CA VAL A 186 -1.70 16.09 -2.22
C VAL A 186 -1.13 16.38 -3.63
N ILE A 187 -0.81 15.31 -4.37
CA ILE A 187 0.00 15.41 -5.57
C ILE A 187 -0.65 14.67 -6.73
N PRO A 188 -0.43 15.16 -7.96
CA PRO A 188 -0.95 14.44 -9.10
C PRO A 188 -0.22 13.11 -9.30
N PRO A 189 -0.84 12.09 -9.82
CA PRO A 189 -2.19 12.03 -10.36
C PRO A 189 -3.21 11.43 -9.34
N GLN A 190 -2.91 11.56 -8.06
CA GLN A 190 -3.67 10.85 -7.03
C GLN A 190 -5.11 11.36 -6.95
N HIS A 191 -6.03 10.51 -6.55
CA HIS A 191 -7.43 10.91 -6.56
C HIS A 191 -7.72 12.03 -5.56
N ILE A 192 -7.09 12.10 -4.42
CA ILE A 192 -7.30 13.21 -3.53
C ILE A 192 -6.95 14.53 -4.26
N TRP A 193 -5.86 14.54 -5.03
CA TRP A 193 -5.50 15.66 -5.85
C TRP A 193 -6.49 15.93 -6.96
N GLN A 194 -6.95 14.92 -7.65
CA GLN A 194 -7.93 15.13 -8.72
C GLN A 194 -9.17 15.77 -8.16
N ILE A 195 -9.67 15.30 -7.04
CA ILE A 195 -10.87 15.92 -6.41
C ILE A 195 -10.55 17.28 -5.91
N HIS A 196 -9.43 17.51 -5.27
N HIS A 196 -9.42 17.52 -5.27
CA HIS A 196 -9.09 18.83 -4.84
CA HIS A 196 -9.01 18.86 -4.85
C HIS A 196 -9.14 19.81 -6.04
C HIS A 196 -9.11 19.84 -6.03
N GLN A 197 -8.61 19.42 -7.18
CA GLN A 197 -8.62 20.30 -8.36
C GLN A 197 -10.03 20.64 -8.80
N MET A 198 -10.96 19.71 -8.68
CA MET A 198 -12.34 19.98 -9.03
C MET A 198 -12.89 21.10 -8.14
N TRP A 199 -12.65 21.03 -6.84
CA TRP A 199 -13.10 22.08 -5.94
C TRP A 199 -12.37 23.41 -6.17
N LYS A 200 -11.10 23.35 -6.51
N LYS A 200 -11.08 23.36 -6.50
CA LYS A 200 -10.39 24.58 -6.76
CA LYS A 200 -10.34 24.59 -6.81
C LYS A 200 -10.96 25.28 -7.97
C LYS A 200 -10.96 25.28 -7.97
N LYS A 201 -11.28 24.54 -9.02
CA LYS A 201 -11.89 25.16 -10.23
C LYS A 201 -13.23 25.70 -9.97
N GLU A 202 -14.03 25.09 -9.14
CA GLU A 202 -15.28 25.66 -8.72
C GLU A 202 -15.09 26.92 -7.91
N GLY A 203 -14.07 26.98 -7.07
CA GLY A 203 -13.59 28.20 -6.43
C GLY A 203 -14.35 28.76 -5.36
N ARG A 204 -15.38 28.09 -4.88
CA ARG A 204 -16.34 28.58 -3.92
C ARG A 204 -16.10 28.24 -2.49
N SER A 205 -15.58 27.05 -2.24
N SER A 205 -15.48 27.10 -2.28
CA SER A 205 -15.27 26.64 -0.84
CA SER A 205 -15.52 26.39 -0.95
C SER A 205 -14.18 25.69 -0.75
C SER A 205 -14.29 25.58 -0.75
N ASP A 206 -13.72 25.56 0.46
CA ASP A 206 -12.78 24.51 0.81
C ASP A 206 -13.44 23.12 0.69
N VAL A 207 -12.65 22.06 0.58
CA VAL A 207 -13.15 20.75 0.32
C VAL A 207 -13.63 20.14 1.67
N PRO A 208 -14.91 19.74 1.78
CA PRO A 208 -15.28 18.96 2.96
C PRO A 208 -14.47 17.72 3.03
N TRP A 209 -14.00 17.39 4.25
CA TRP A 209 -13.00 16.32 4.41
C TRP A 209 -13.23 15.62 5.71
N ALA A 210 -12.86 14.34 5.74
CA ALA A 210 -12.73 13.59 6.98
C ALA A 210 -11.49 12.67 6.81
N LEU A 211 -10.93 12.35 7.95
CA LEU A 211 -9.77 11.42 8.00
C LEU A 211 -10.15 10.42 9.09
N ALA A 212 -10.28 9.16 8.70
CA ALA A 212 -10.71 8.11 9.63
C ALA A 212 -9.53 7.15 9.84
N PHE A 213 -9.18 6.94 11.09
CA PHE A 213 -8.12 6.03 11.47
C PHE A 213 -8.69 4.77 12.06
N GLY A 214 -8.03 3.66 11.86
CA GLY A 214 -8.56 2.41 12.35
C GLY A 214 -9.90 2.06 11.73
N VAL A 215 -9.92 2.15 10.41
CA VAL A 215 -11.06 1.78 9.62
C VAL A 215 -11.13 0.28 9.40
N PRO A 216 -12.23 -0.25 8.82
CA PRO A 216 -12.27 -1.65 8.46
C PRO A 216 -11.04 -1.99 7.64
N PRO A 217 -10.38 -3.07 8.00
CA PRO A 217 -9.19 -3.47 7.25
C PRO A 217 -9.41 -3.64 5.77
N ALA A 218 -10.55 -4.17 5.32
CA ALA A 218 -10.72 -4.33 3.90
C ALA A 218 -10.75 -2.95 3.21
N ALA A 219 -11.28 -1.96 3.92
CA ALA A 219 -11.31 -0.57 3.43
C ALA A 219 -9.94 0.07 3.32
N ILE A 220 -9.05 -0.17 4.29
CA ILE A 220 -7.73 0.41 4.17
C ILE A 220 -6.94 -0.21 3.05
N MET A 221 -7.20 -1.47 2.76
N MET A 221 -7.22 -1.47 2.74
CA MET A 221 -6.54 -2.06 1.57
CA MET A 221 -6.60 -2.10 1.55
C MET A 221 -7.01 -1.39 0.29
C MET A 221 -7.01 -1.42 0.28
N ALA A 222 -8.32 -1.18 0.10
CA ALA A 222 -8.78 -0.47 -1.09
C ALA A 222 -8.30 0.95 -1.13
N SER A 223 -8.16 1.57 0.04
CA SER A 223 -7.64 2.94 0.14
C SER A 223 -6.22 3.05 -0.42
N SER A 224 -5.46 1.94 -0.36
N SER A 224 -5.44 1.96 -0.35
CA SER A 224 -4.10 1.88 -0.81
CA SER A 224 -4.07 1.93 -0.82
C SER A 224 -3.90 1.42 -2.23
C SER A 224 -3.91 1.46 -2.24
N MET A 225 -5.00 1.11 -2.91
CA MET A 225 -4.98 0.52 -4.28
C MET A 225 -5.44 1.52 -5.31
N PRO A 226 -4.82 1.59 -6.46
CA PRO A 226 -5.25 2.55 -7.51
C PRO A 226 -6.36 1.99 -8.35
N ILE A 227 -7.54 1.80 -7.69
CA ILE A 227 -8.75 1.44 -8.46
C ILE A 227 -9.11 2.62 -9.35
N PRO A 228 -9.95 2.43 -10.37
CA PRO A 228 -10.12 3.45 -11.38
C PRO A 228 -10.65 4.79 -10.92
N ASP A 229 -10.35 5.82 -11.72
CA ASP A 229 -10.94 7.11 -11.57
C ASP A 229 -12.44 7.03 -11.50
N GLY A 230 -13.04 7.79 -10.63
CA GLY A 230 -14.47 7.89 -10.53
C GLY A 230 -15.11 6.75 -9.78
N VAL A 231 -14.37 5.77 -9.30
CA VAL A 231 -14.97 4.61 -8.61
C VAL A 231 -14.89 4.87 -7.09
N THR A 232 -16.06 4.86 -6.46
CA THR A 232 -16.15 5.03 -5.06
C THR A 232 -15.64 3.78 -4.35
N GLU A 233 -14.57 3.92 -3.56
CA GLU A 233 -13.97 2.77 -2.88
C GLU A 233 -14.99 2.03 -2.03
N ALA A 234 -15.91 2.74 -1.35
CA ALA A 234 -16.81 2.02 -0.43
C ALA A 234 -17.60 0.93 -1.16
N GLY A 235 -18.08 1.18 -2.36
CA GLY A 235 -18.84 0.21 -3.12
C GLY A 235 -18.00 -0.92 -3.67
N TYR A 236 -16.73 -0.64 -3.95
CA TYR A 236 -15.78 -1.66 -4.39
C TYR A 236 -15.48 -2.62 -3.25
N VAL A 237 -15.26 -2.07 -2.05
CA VAL A 237 -15.03 -2.87 -0.85
C VAL A 237 -16.30 -3.67 -0.52
N GLY A 238 -17.48 -3.09 -0.67
CA GLY A 238 -18.68 -3.86 -0.48
C GLY A 238 -18.76 -5.04 -1.41
N ALA A 239 -18.48 -4.85 -2.71
CA ALA A 239 -18.51 -5.97 -3.62
C ALA A 239 -17.47 -6.98 -3.27
N MET A 240 -16.24 -6.58 -2.96
N MET A 240 -16.26 -6.55 -2.92
CA MET A 240 -15.16 -7.50 -2.61
CA MET A 240 -15.16 -7.45 -2.61
C MET A 240 -15.53 -8.41 -1.42
C MET A 240 -15.45 -8.34 -1.42
N THR A 241 -16.09 -7.81 -0.41
CA THR A 241 -16.38 -8.52 0.82
C THR A 241 -17.76 -9.19 0.76
N GLY A 242 -18.60 -8.87 -0.21
CA GLY A 242 -19.92 -9.38 -0.28
C GLY A 242 -20.86 -8.76 0.61
N SER A 243 -20.62 -7.65 1.27
CA SER A 243 -21.43 -6.98 2.25
C SER A 243 -21.42 -5.51 2.11
N SER A 244 -22.49 -4.80 2.35
CA SER A 244 -22.51 -3.38 2.35
C SER A 244 -21.85 -2.83 3.63
N LEU A 245 -20.90 -1.92 3.45
CA LEU A 245 -20.26 -1.31 4.62
C LEU A 245 -21.19 -0.35 5.35
N GLU A 246 -21.16 -0.41 6.67
CA GLU A 246 -21.95 0.44 7.54
C GLU A 246 -21.22 1.75 7.83
N LEU A 247 -21.78 2.84 7.42
CA LEU A 247 -21.20 4.18 7.60
C LEU A 247 -22.11 5.08 8.43
N VAL A 248 -21.54 6.02 9.17
N VAL A 248 -21.56 6.06 9.09
CA VAL A 248 -22.24 7.04 9.96
CA VAL A 248 -22.26 7.01 9.91
C VAL A 248 -21.86 8.42 9.44
C VAL A 248 -21.88 8.40 9.44
N LYS A 249 -22.81 9.33 9.47
CA LYS A 249 -22.52 10.70 9.03
C LYS A 249 -21.60 11.38 10.02
N CYS A 250 -20.68 12.17 9.50
CA CYS A 250 -19.92 13.12 10.28
C CYS A 250 -20.89 14.07 11.02
N ASP A 251 -20.43 14.66 12.07
CA ASP A 251 -21.23 15.63 12.80
C ASP A 251 -21.25 17.03 12.18
N THR A 252 -20.12 17.44 11.61
CA THR A 252 -19.95 18.79 11.10
C THR A 252 -19.98 18.88 9.64
N ASN A 253 -20.12 17.78 8.89
CA ASN A 253 -20.31 17.86 7.48
C ASN A 253 -21.09 16.65 7.06
N ASP A 254 -21.38 16.49 5.74
CA ASP A 254 -22.18 15.40 5.25
C ASP A 254 -21.47 14.26 4.65
N LEU A 255 -20.20 14.10 4.98
CA LEU A 255 -19.49 12.93 4.62
C LEU A 255 -19.81 11.78 5.58
N TYR A 256 -19.56 10.57 5.15
CA TYR A 256 -19.86 9.37 5.90
C TYR A 256 -18.59 8.55 6.18
N VAL A 257 -18.44 8.11 7.39
CA VAL A 257 -17.25 7.42 7.84
C VAL A 257 -17.63 6.07 8.31
N PRO A 258 -16.70 5.06 8.31
CA PRO A 258 -17.02 3.77 8.83
C PRO A 258 -17.47 3.83 10.26
N ALA A 259 -18.55 3.11 10.57
CA ALA A 259 -19.18 3.16 11.90
C ALA A 259 -18.24 2.78 13.02
N THR A 260 -17.29 1.87 12.78
CA THR A 260 -16.34 1.39 13.80
C THR A 260 -14.97 2.05 13.74
N SER A 261 -14.86 3.13 12.98
CA SER A 261 -13.59 3.86 12.94
C SER A 261 -13.12 4.12 14.37
N GLU A 262 -11.79 3.95 14.60
CA GLU A 262 -11.24 4.26 15.90
C GLU A 262 -11.24 5.72 16.28
N ILE A 263 -10.81 6.56 15.29
CA ILE A 263 -10.68 7.98 15.46
C ILE A 263 -11.06 8.66 14.16
N VAL A 264 -11.84 9.72 14.22
CA VAL A 264 -12.24 10.49 13.06
C VAL A 264 -11.94 11.96 13.25
N LEU A 265 -11.23 12.54 12.29
CA LEU A 265 -11.07 13.99 12.20
C LEU A 265 -12.01 14.51 11.14
N GLU A 266 -12.76 15.54 11.43
CA GLU A 266 -13.67 16.20 10.49
C GLU A 266 -13.19 17.60 10.23
N GLY A 267 -13.24 18.07 8.99
CA GLY A 267 -12.86 19.44 8.70
C GLY A 267 -12.82 19.73 7.23
N THR A 268 -11.84 20.50 6.79
CA THR A 268 -11.75 20.94 5.41
C THR A 268 -10.33 20.85 4.93
N LEU A 269 -10.20 20.54 3.63
CA LEU A 269 -8.93 20.63 2.92
C LEU A 269 -8.97 21.95 2.13
N SER A 270 -8.00 22.84 2.38
CA SER A 270 -8.10 24.18 1.79
C SER A 270 -7.85 24.10 0.30
N ILE A 271 -8.63 24.96 -0.42
CA ILE A 271 -8.36 25.22 -1.81
C ILE A 271 -7.39 26.36 -2.05
N SER A 272 -6.92 27.02 -1.00
CA SER A 272 -6.07 28.17 -1.10
C SER A 272 -4.79 28.15 -0.30
N GLU A 273 -4.81 27.56 0.87
CA GLU A 273 -3.69 27.64 1.80
C GLU A 273 -2.80 26.46 1.71
N THR A 274 -1.55 26.68 2.08
CA THR A 274 -0.52 25.64 2.16
C THR A 274 0.25 25.87 3.45
N GLY A 275 1.10 24.91 3.80
CA GLY A 275 2.01 25.11 4.90
C GLY A 275 3.20 24.17 4.79
N PRO A 276 4.22 24.32 5.62
CA PRO A 276 5.38 23.47 5.50
C PRO A 276 5.02 22.01 5.70
N GLU A 277 5.60 21.11 4.92
CA GLU A 277 5.33 19.72 5.03
C GLU A 277 6.62 18.96 4.77
N GLY A 278 6.88 17.91 5.50
CA GLY A 278 8.07 17.13 5.30
C GLY A 278 9.27 17.82 5.93
N PRO A 279 10.42 17.17 5.81
CA PRO A 279 10.64 15.89 5.14
C PRO A 279 10.07 14.72 5.99
N PHE A 280 10.01 13.56 5.33
CA PHE A 280 9.54 12.32 5.96
C PHE A 280 10.36 11.14 5.50
N GLY A 281 10.67 10.25 6.38
CA GLY A 281 11.34 9.01 5.98
C GLY A 281 10.40 8.11 5.25
N GLU A 282 10.74 7.89 3.98
CA GLU A 282 9.82 7.42 2.97
C GLU A 282 10.07 5.99 2.50
N MET A 283 9.14 5.46 1.68
CA MET A 283 9.06 4.10 1.23
C MET A 283 10.31 3.59 0.53
N HIS A 284 11.10 4.48 -0.09
CA HIS A 284 12.29 4.03 -0.77
C HIS A 284 13.48 3.86 0.16
N GLY A 285 13.34 4.28 1.42
CA GLY A 285 14.38 4.06 2.40
C GLY A 285 15.16 5.25 2.81
N TYR A 286 14.73 6.44 2.51
CA TYR A 286 15.50 7.64 2.72
C TYR A 286 14.72 8.77 3.41
N ILE A 287 15.44 9.65 4.09
CA ILE A 287 14.97 10.94 4.40
C ILE A 287 16.08 11.95 4.01
N PHE A 288 15.68 13.10 3.48
CA PHE A 288 16.58 14.20 3.12
C PHE A 288 16.36 15.31 4.13
N PRO A 289 17.15 15.34 5.23
N PRO A 289 17.15 15.37 5.23
CA PRO A 289 16.83 16.27 6.29
CA PRO A 289 16.83 16.31 6.31
C PRO A 289 16.83 17.67 5.79
C PRO A 289 16.64 17.76 5.86
N GLY A 290 15.84 18.44 6.30
N GLY A 290 17.29 18.20 4.78
CA GLY A 290 15.75 19.80 5.92
CA GLY A 290 17.11 19.58 4.36
C GLY A 290 14.93 20.04 4.66
C GLY A 290 15.87 19.89 3.58
N ASP A 291 14.73 19.07 3.78
CA ASP A 291 13.88 19.25 2.52
C ASP A 291 12.46 19.41 2.96
N THR A 292 12.07 20.50 3.50
CA THR A 292 10.61 20.96 3.68
C THR A 292 10.07 21.68 2.40
N HIS A 293 8.87 21.45 2.07
CA HIS A 293 8.27 22.11 0.93
C HIS A 293 6.88 22.44 1.29
N LEU A 294 6.17 23.23 0.59
CA LEU A 294 4.79 23.59 0.93
C LEU A 294 3.92 22.39 0.57
N GLY A 295 3.03 22.01 1.46
CA GLY A 295 2.03 20.99 1.20
C GLY A 295 0.63 21.55 1.40
N ALA A 296 -0.37 20.70 1.11
CA ALA A 296 -1.76 20.98 1.33
C ALA A 296 -1.99 21.14 2.84
N LYS A 297 -2.99 21.94 3.15
CA LYS A 297 -3.35 22.29 4.52
C LYS A 297 -4.79 21.92 4.84
N TYR A 298 -4.97 21.16 5.91
CA TYR A 298 -6.24 20.64 6.40
C TYR A 298 -6.56 21.34 7.73
N LYS A 299 -7.80 21.78 7.87
CA LYS A 299 -8.31 22.31 9.09
C LYS A 299 -9.18 21.29 9.78
N VAL A 300 -8.93 21.02 11.08
CA VAL A 300 -9.70 20.06 11.83
C VAL A 300 -10.69 20.83 12.73
N ASN A 301 -11.97 20.53 12.55
CA ASN A 301 -13.05 21.13 13.32
C ASN A 301 -13.60 20.27 14.47
N ARG A 302 -13.45 18.96 14.38
CA ARG A 302 -14.01 18.04 15.32
C ARG A 302 -13.21 16.73 15.34
N ILE A 303 -13.13 16.10 16.50
CA ILE A 303 -12.56 14.76 16.62
C ILE A 303 -13.65 13.88 17.25
N THR A 304 -13.94 12.71 16.71
CA THR A 304 -14.72 11.71 17.40
C THR A 304 -13.93 10.44 17.52
N TYR A 305 -14.17 9.61 18.53
CA TYR A 305 -13.33 8.48 18.69
C TYR A 305 -14.01 7.41 19.62
N ARG A 306 -13.60 6.16 19.39
CA ARG A 306 -13.95 5.09 20.23
C ARG A 306 -13.37 5.20 21.62
N ASN A 307 -14.07 4.63 22.62
CA ASN A 307 -13.40 4.35 23.89
C ASN A 307 -12.12 3.53 23.62
N ASN A 308 -11.11 3.93 24.33
CA ASN A 308 -9.78 3.24 24.24
C ASN A 308 -9.26 3.13 22.80
N ALA A 309 -9.46 4.24 22.09
CA ALA A 309 -9.07 4.34 20.66
C ALA A 309 -7.61 3.89 20.41
N ILE A 310 -7.48 3.23 19.26
CA ILE A 310 -6.20 2.77 18.75
C ILE A 310 -5.91 3.42 17.41
N MET A 311 -4.74 4.08 17.32
CA MET A 311 -4.24 4.67 16.09
C MET A 311 -3.26 3.70 15.42
N PRO A 312 -3.54 3.21 14.19
CA PRO A 312 -2.52 2.46 13.47
C PRO A 312 -1.43 3.39 12.93
N MET A 313 -0.21 2.87 12.87
CA MET A 313 0.98 3.60 12.43
C MET A 313 1.84 2.72 11.58
N SER A 314 2.32 3.30 10.44
CA SER A 314 3.34 2.74 9.61
C SER A 314 4.68 3.40 9.86
N SER A 315 5.63 2.69 10.41
CA SER A 315 7.01 3.21 10.55
C SER A 315 7.77 2.86 9.30
N CYS A 316 7.60 3.65 8.28
CA CYS A 316 8.00 3.27 6.94
C CYS A 316 9.46 3.59 6.63
N GLY A 317 10.04 2.90 5.68
CA GLY A 317 11.44 3.11 5.30
C GLY A 317 11.97 1.90 4.52
N ARG A 318 13.14 1.44 4.94
CA ARG A 318 13.74 0.25 4.35
C ARG A 318 12.86 -0.96 4.61
N LEU A 319 13.08 -2.03 3.87
CA LEU A 319 12.21 -3.20 3.88
C LEU A 319 12.02 -3.75 5.29
N THR A 320 10.83 -4.27 5.63
CA THR A 320 9.59 -4.36 4.82
C THR A 320 8.43 -3.80 5.62
N ASP A 321 7.66 -2.93 5.03
CA ASP A 321 6.53 -2.38 5.71
C ASP A 321 5.38 -2.19 4.75
N GLU A 322 4.33 -1.50 5.20
CA GLU A 322 3.11 -1.31 4.45
C GLU A 322 3.34 -0.62 3.14
N THR A 323 4.32 0.25 3.04
CA THR A 323 4.59 0.94 1.78
C THR A 323 5.09 -0.03 0.77
N HIS A 324 5.62 -1.18 1.12
CA HIS A 324 6.10 -2.19 0.18
C HIS A 324 5.03 -3.17 -0.07
N THR A 325 4.44 -3.74 1.01
CA THR A 325 3.49 -4.83 0.91
C THR A 325 2.22 -4.39 0.25
N MET A 326 1.80 -3.15 0.53
CA MET A 326 0.51 -2.61 0.05
C MET A 326 0.68 -1.73 -1.16
N ILE A 327 1.54 -0.68 -1.14
CA ILE A 327 1.64 0.16 -2.28
C ILE A 327 2.08 -0.63 -3.48
N GLY A 328 3.20 -1.34 -3.35
CA GLY A 328 3.77 -2.05 -4.47
C GLY A 328 2.86 -3.17 -4.98
N SER A 329 2.36 -4.03 -4.07
CA SER A 329 1.65 -5.21 -4.52
C SER A 329 0.31 -4.80 -5.19
N LEU A 330 -0.35 -3.79 -4.55
CA LEU A 330 -1.65 -3.36 -5.06
C LEU A 330 -1.56 -2.64 -6.36
N ALA A 331 -0.47 -1.88 -6.57
CA ALA A 331 -0.21 -1.29 -7.87
C ALA A 331 0.02 -2.36 -8.89
N ALA A 332 0.84 -3.39 -8.55
CA ALA A 332 1.07 -4.48 -9.44
C ALA A 332 -0.22 -5.18 -9.86
N ALA A 333 -1.14 -5.40 -8.89
CA ALA A 333 -2.38 -6.03 -9.20
C ALA A 333 -3.16 -5.24 -10.27
N GLU A 334 -3.27 -3.94 -10.02
CA GLU A 334 -3.98 -3.08 -10.96
C GLU A 334 -3.32 -3.06 -12.32
N ILE A 335 -1.98 -3.08 -12.37
CA ILE A 335 -1.27 -3.16 -13.63
C ILE A 335 -1.55 -4.43 -14.37
N ARG A 336 -1.62 -5.57 -13.65
CA ARG A 336 -1.96 -6.84 -14.29
C ARG A 336 -3.29 -6.74 -15.03
N LYS A 337 -4.30 -6.22 -14.29
CA LYS A 337 -5.63 -6.07 -14.89
C LYS A 337 -5.62 -5.13 -16.09
N LEU A 338 -4.95 -3.99 -15.94
CA LEU A 338 -4.85 -3.00 -17.01
C LEU A 338 -4.26 -3.60 -18.24
N CYS A 339 -3.18 -4.38 -18.09
CA CYS A 339 -2.56 -5.04 -19.22
C CYS A 339 -3.57 -5.98 -19.91
N GLN A 340 -4.24 -6.82 -19.14
CA GLN A 340 -5.21 -7.77 -19.70
C GLN A 340 -6.36 -7.07 -20.43
N GLN A 341 -6.78 -5.93 -19.89
CA GLN A 341 -7.85 -5.18 -20.53
C GLN A 341 -7.43 -4.55 -21.81
N ASN A 342 -6.13 -4.32 -22.00
CA ASN A 342 -5.52 -3.83 -23.21
C ASN A 342 -5.03 -4.94 -24.13
N ASP A 343 -5.53 -6.18 -23.90
CA ASP A 343 -5.24 -7.33 -24.71
C ASP A 343 -3.82 -7.74 -24.75
N LEU A 344 -3.10 -7.44 -23.68
CA LEU A 344 -1.74 -7.90 -23.53
C LEU A 344 -1.74 -9.24 -22.79
N PRO A 345 -0.86 -10.16 -23.13
CA PRO A 345 -0.89 -11.57 -22.63
C PRO A 345 -0.15 -11.70 -21.31
N ILE A 346 -0.58 -10.93 -20.31
CA ILE A 346 0.04 -10.89 -18.95
C ILE A 346 -0.81 -11.74 -18.03
N THR A 347 -0.19 -12.65 -17.32
CA THR A 347 -0.91 -13.55 -16.39
C THR A 347 -0.78 -13.08 -14.93
N ASP A 348 0.33 -12.45 -14.57
CA ASP A 348 0.70 -12.16 -13.21
C ASP A 348 1.56 -10.95 -13.20
N ALA A 349 1.52 -10.20 -12.09
CA ALA A 349 2.36 -9.07 -11.86
C ALA A 349 2.70 -8.96 -10.40
N PHE A 350 3.91 -8.53 -10.07
CA PHE A 350 4.30 -8.28 -8.71
C PHE A 350 5.42 -7.27 -8.69
N ALA A 351 5.51 -6.46 -7.64
CA ALA A 351 6.60 -5.46 -7.45
C ALA A 351 7.62 -6.09 -6.55
N PRO A 352 8.75 -6.56 -7.05
CA PRO A 352 9.74 -7.23 -6.15
C PRO A 352 10.15 -6.34 -5.02
N PHE A 353 10.21 -6.89 -3.82
CA PHE A 353 10.67 -6.13 -2.69
C PHE A 353 12.12 -5.72 -2.89
N GLU A 354 12.92 -6.55 -3.54
CA GLU A 354 14.33 -6.27 -3.76
C GLU A 354 14.53 -5.01 -4.56
N SER A 355 13.56 -4.63 -5.40
CA SER A 355 13.60 -3.41 -6.19
C SER A 355 13.13 -2.22 -5.41
N GLN A 356 12.85 -2.36 -4.12
CA GLN A 356 12.27 -1.32 -3.34
C GLN A 356 10.92 -0.91 -3.94
N VAL A 357 10.19 -1.91 -4.46
CA VAL A 357 8.91 -1.80 -5.16
C VAL A 357 8.90 -0.73 -6.23
N THR A 358 10.03 -0.49 -6.90
CA THR A 358 10.13 0.39 -8.07
C THR A 358 10.04 -0.37 -9.35
N TRP A 359 10.16 -1.69 -9.36
CA TRP A 359 9.95 -2.53 -10.52
C TRP A 359 8.66 -3.24 -10.40
N VAL A 360 8.05 -3.59 -11.53
CA VAL A 360 7.05 -4.63 -11.59
C VAL A 360 7.44 -5.66 -12.60
N ALA A 361 7.44 -6.92 -12.21
CA ALA A 361 7.68 -8.04 -13.09
C ALA A 361 6.32 -8.52 -13.63
N LEU A 362 6.25 -8.64 -14.94
CA LEU A 362 5.05 -9.07 -15.67
C LEU A 362 5.30 -10.42 -16.28
N ARG A 363 4.56 -11.42 -15.84
CA ARG A 363 4.65 -12.79 -16.40
C ARG A 363 3.80 -12.86 -17.64
N VAL A 364 4.39 -13.27 -18.74
CA VAL A 364 3.77 -13.36 -20.04
C VAL A 364 3.33 -14.78 -20.32
N ASP A 365 2.10 -14.91 -20.88
CA ASP A 365 1.65 -16.17 -21.50
C ASP A 365 2.27 -16.26 -22.89
N THR A 366 3.35 -17.00 -22.98
CA THR A 366 4.11 -16.99 -24.16
C THR A 366 3.46 -17.73 -25.35
N GLU A 367 2.55 -18.62 -25.10
CA GLU A 367 1.74 -19.18 -26.18
C GLU A 367 0.93 -18.07 -26.89
N LYS A 368 0.30 -17.21 -26.07
CA LYS A 368 -0.36 -16.07 -26.63
C LYS A 368 0.56 -15.11 -27.30
N LEU A 369 1.69 -14.89 -26.67
CA LEU A 369 2.68 -14.01 -27.33
C LEU A 369 3.08 -14.52 -28.71
N ARG A 370 3.36 -15.83 -28.81
CA ARG A 370 3.77 -16.35 -30.07
C ARG A 370 2.76 -16.14 -31.16
N ALA A 371 1.48 -16.20 -30.79
CA ALA A 371 0.43 -16.02 -31.78
C ALA A 371 0.34 -14.59 -32.28
N MET A 372 0.82 -13.64 -31.52
CA MET A 372 0.88 -12.23 -31.90
C MET A 372 1.88 -11.97 -32.98
N LYS A 373 2.87 -12.82 -33.17
CA LYS A 373 3.86 -12.71 -34.23
C LYS A 373 4.49 -11.30 -34.25
N THR A 374 5.03 -10.95 -33.06
CA THR A 374 5.58 -9.63 -32.81
C THR A 374 7.11 -9.77 -32.49
N THR A 375 7.66 -8.66 -32.08
CA THR A 375 9.08 -8.57 -31.70
C THR A 375 9.24 -7.91 -30.38
N SER A 376 10.42 -8.00 -29.80
CA SER A 376 10.67 -7.36 -28.53
C SER A 376 10.45 -5.86 -28.57
N GLU A 377 11.02 -5.18 -29.57
N GLU A 377 11.00 -5.17 -29.54
CA GLU A 377 10.91 -3.73 -29.67
CA GLU A 377 10.90 -3.72 -29.44
C GLU A 377 9.45 -3.33 -29.67
C GLU A 377 9.45 -3.33 -29.65
N GLY A 378 8.69 -3.98 -30.53
CA GLY A 378 7.25 -3.60 -30.63
C GLY A 378 6.49 -3.90 -29.35
N PHE A 379 6.73 -5.08 -28.75
CA PHE A 379 6.00 -5.50 -27.60
C PHE A 379 6.32 -4.62 -26.39
N ARG A 380 7.62 -4.35 -26.21
CA ARG A 380 8.00 -3.43 -25.09
C ARG A 380 7.41 -2.11 -25.18
N LYS A 381 7.34 -1.53 -26.36
CA LYS A 381 6.74 -0.26 -26.52
C LYS A 381 5.28 -0.31 -26.23
N ARG A 382 4.58 -1.36 -26.64
CA ARG A 382 3.15 -1.45 -26.36
C ARG A 382 2.88 -1.53 -24.87
N VAL A 383 3.63 -2.38 -24.17
CA VAL A 383 3.44 -2.58 -22.75
C VAL A 383 3.74 -1.25 -22.03
N GLY A 384 4.86 -0.62 -22.32
CA GLY A 384 5.21 0.58 -21.64
C GLY A 384 4.25 1.71 -21.89
N ASP A 385 3.74 1.83 -23.10
CA ASP A 385 2.72 2.86 -23.40
C ASP A 385 1.48 2.65 -22.52
N VAL A 386 1.01 1.40 -22.45
CA VAL A 386 -0.19 1.15 -21.68
C VAL A 386 0.08 1.48 -20.22
N VAL A 387 1.13 1.00 -19.61
CA VAL A 387 1.32 1.10 -18.20
C VAL A 387 1.79 2.45 -17.78
N PHE A 388 2.79 3.02 -18.45
CA PHE A 388 3.40 4.24 -18.00
C PHE A 388 2.59 5.46 -18.32
N ASN A 389 1.58 5.37 -19.16
CA ASN A 389 0.63 6.43 -19.41
C ASN A 389 -0.58 6.36 -18.53
N HIS A 390 -0.64 5.46 -17.59
CA HIS A 390 -1.76 5.28 -16.71
C HIS A 390 -1.40 5.52 -15.27
N LYS A 391 -2.32 6.00 -14.46
CA LYS A 391 -2.10 6.19 -13.10
C LYS A 391 -1.62 4.95 -12.32
N ALA A 392 -2.10 3.77 -12.70
CA ALA A 392 -1.65 2.55 -12.02
C ALA A 392 -0.14 2.38 -12.13
N GLY A 393 0.48 2.87 -13.20
CA GLY A 393 1.92 2.81 -13.36
C GLY A 393 2.74 3.87 -12.75
N TYR A 394 2.11 4.83 -12.05
CA TYR A 394 2.77 5.99 -11.54
C TYR A 394 4.03 5.70 -10.74
N THR A 395 3.92 4.82 -9.74
CA THR A 395 5.00 4.58 -8.84
C THR A 395 6.12 3.68 -9.39
N ILE A 396 5.88 3.07 -10.55
CA ILE A 396 6.75 2.05 -11.09
C ILE A 396 7.62 2.59 -12.17
N HIS A 397 8.92 2.41 -12.08
CA HIS A 397 9.88 2.93 -13.03
C HIS A 397 10.47 1.90 -13.91
N ARG A 398 10.44 0.61 -13.58
CA ARG A 398 10.98 -0.43 -14.46
C ARG A 398 9.97 -1.54 -14.55
N LEU A 399 9.58 -1.94 -15.75
CA LEU A 399 8.80 -3.14 -16.00
C LEU A 399 9.71 -4.18 -16.52
N VAL A 400 9.67 -5.39 -15.95
CA VAL A 400 10.46 -6.51 -16.42
C VAL A 400 9.54 -7.57 -16.99
N LEU A 401 9.63 -7.84 -18.28
CA LEU A 401 8.83 -8.87 -18.93
C LEU A 401 9.53 -10.20 -18.79
N VAL A 402 8.82 -11.23 -18.30
CA VAL A 402 9.39 -12.56 -18.12
C VAL A 402 8.44 -13.59 -18.66
N GLY A 403 8.98 -14.72 -19.08
CA GLY A 403 8.18 -15.80 -19.58
C GLY A 403 7.58 -16.68 -18.50
N ASP A 404 6.87 -17.71 -18.95
CA ASP A 404 6.07 -18.52 -18.10
C ASP A 404 6.77 -19.35 -17.12
N ASP A 405 8.07 -19.52 -17.20
CA ASP A 405 8.78 -20.31 -16.25
C ASP A 405 9.09 -19.54 -14.96
N ILE A 406 8.94 -18.23 -14.95
CA ILE A 406 9.29 -17.40 -13.84
C ILE A 406 8.10 -17.11 -12.96
N ASP A 407 8.28 -17.34 -11.63
CA ASP A 407 7.28 -16.98 -10.62
C ASP A 407 7.59 -15.56 -10.21
N VAL A 408 6.78 -14.61 -10.65
CA VAL A 408 7.05 -13.21 -10.37
C VAL A 408 6.91 -12.84 -8.90
N TYR A 409 6.28 -13.71 -8.08
CA TYR A 409 6.14 -13.45 -6.68
C TYR A 409 7.45 -13.84 -5.92
N GLU A 410 8.45 -14.42 -6.60
CA GLU A 410 9.69 -14.83 -6.03
C GLU A 410 10.80 -13.96 -6.55
N GLY A 411 11.25 -13.01 -5.76
CA GLY A 411 12.26 -12.04 -6.21
C GLY A 411 13.53 -12.67 -6.71
N LYS A 412 13.99 -13.79 -6.13
N LYS A 412 13.96 -13.79 -6.16
CA LYS A 412 15.22 -14.46 -6.61
CA LYS A 412 15.22 -14.32 -6.60
C LYS A 412 15.05 -14.83 -8.06
C LYS A 412 15.04 -14.78 -8.05
N ASP A 413 13.89 -15.27 -8.47
CA ASP A 413 13.67 -15.72 -9.82
C ASP A 413 13.57 -14.57 -10.78
N VAL A 414 12.93 -13.47 -10.38
CA VAL A 414 12.88 -12.27 -11.16
C VAL A 414 14.29 -11.70 -11.40
N LEU A 415 15.10 -11.66 -10.35
N LEU A 415 15.10 -11.65 -10.34
CA LEU A 415 16.44 -11.16 -10.48
CA LEU A 415 16.45 -11.13 -10.49
C LEU A 415 17.25 -12.05 -11.41
C LEU A 415 17.27 -12.05 -11.40
N TRP A 416 17.12 -13.35 -11.29
CA TRP A 416 17.80 -14.30 -12.19
C TRP A 416 17.42 -14.02 -13.63
N ALA A 417 16.12 -13.91 -13.93
CA ALA A 417 15.68 -13.69 -15.30
C ALA A 417 16.17 -12.34 -15.79
N PHE A 418 16.02 -11.28 -15.03
CA PHE A 418 16.45 -9.95 -15.44
C PHE A 418 17.92 -9.95 -15.80
N SER A 419 18.77 -10.54 -14.93
N SER A 419 18.76 -10.54 -14.92
CA SER A 419 20.20 -10.51 -15.07
CA SER A 419 20.20 -10.46 -15.06
C SER A 419 20.73 -11.36 -16.19
C SER A 419 20.72 -11.35 -16.17
N THR A 420 20.01 -12.32 -16.62
CA THR A 420 20.49 -13.32 -17.60
C THR A 420 19.79 -13.29 -18.95
N ARG A 421 18.61 -12.63 -19.04
CA ARG A 421 17.81 -12.66 -20.24
C ARG A 421 17.58 -11.32 -20.89
N CYS A 422 17.88 -10.26 -20.21
CA CYS A 422 17.68 -8.87 -20.73
C CYS A 422 19.05 -8.20 -20.99
N ARG A 423 19.41 -8.08 -22.29
CA ARG A 423 20.66 -7.43 -22.67
C ARG A 423 20.54 -5.95 -22.40
N PRO A 424 21.38 -5.37 -21.57
CA PRO A 424 21.31 -3.91 -21.31
C PRO A 424 21.31 -3.14 -22.57
N GLY A 425 20.41 -2.13 -22.65
CA GLY A 425 20.30 -1.28 -23.82
C GLY A 425 19.46 -1.88 -24.90
N MET A 426 19.95 -2.88 -25.60
CA MET A 426 19.30 -3.46 -26.75
C MET A 426 17.89 -4.02 -26.42
N ASP A 427 17.76 -4.67 -25.26
CA ASP A 427 16.53 -5.29 -24.89
C ASP A 427 15.64 -4.42 -23.98
N GLU A 428 15.90 -3.13 -24.03
CA GLU A 428 15.18 -2.18 -23.19
C GLU A 428 14.66 -1.04 -24.01
N THR A 429 13.56 -0.43 -23.55
CA THR A 429 13.07 0.81 -24.12
C THR A 429 12.89 1.80 -23.03
N LEU A 430 13.53 2.98 -23.14
CA LEU A 430 13.42 4.05 -22.20
C LEU A 430 12.23 4.94 -22.55
N PHE A 431 11.58 5.45 -21.54
CA PHE A 431 10.41 6.33 -21.61
C PHE A 431 10.70 7.63 -20.88
N GLU A 432 11.00 8.69 -21.61
CA GLU A 432 11.29 9.98 -21.00
C GLU A 432 10.12 10.92 -20.94
N ASP A 433 9.09 10.63 -21.72
CA ASP A 433 7.92 11.51 -21.81
C ASP A 433 6.69 10.97 -21.13
N VAL A 434 6.85 10.46 -19.98
CA VAL A 434 5.83 9.94 -19.12
C VAL A 434 5.99 10.61 -17.74
N ARG A 435 4.93 10.56 -16.93
CA ARG A 435 4.99 11.06 -15.57
C ARG A 435 5.97 10.21 -14.74
N GLY A 436 6.87 10.85 -14.03
CA GLY A 436 7.77 10.15 -13.12
C GLY A 436 7.33 10.30 -11.67
N PHE A 437 7.83 9.43 -10.82
CA PHE A 437 7.49 9.40 -9.39
C PHE A 437 8.57 10.15 -8.62
N PRO A 438 8.29 11.39 -8.18
CA PRO A 438 9.38 12.20 -7.63
C PRO A 438 9.93 11.72 -6.32
N LEU A 439 9.22 10.88 -5.61
N LEU A 439 9.21 10.85 -5.63
CA LEU A 439 9.69 10.42 -4.34
CA LEU A 439 9.61 10.31 -4.37
C LEU A 439 10.86 9.46 -4.45
C LEU A 439 10.86 9.46 -4.45
N ILE A 440 11.08 8.84 -5.59
CA ILE A 440 12.29 8.02 -5.74
C ILE A 440 13.48 8.92 -5.70
N PRO A 441 14.52 8.62 -4.92
CA PRO A 441 15.62 9.57 -4.80
C PRO A 441 16.25 9.97 -6.14
N TYR A 442 16.43 9.01 -7.04
CA TYR A 442 17.03 9.35 -8.36
C TYR A 442 16.14 10.26 -9.17
N MET A 443 14.90 10.49 -8.80
CA MET A 443 13.98 11.42 -9.45
C MET A 443 14.06 12.76 -8.75
N GLY A 444 13.46 12.90 -7.60
CA GLY A 444 13.35 14.20 -6.92
C GLY A 444 14.66 14.78 -6.40
N HIS A 445 15.63 13.92 -6.15
CA HIS A 445 16.92 14.34 -5.72
C HIS A 445 18.03 13.94 -6.70
N GLY A 446 17.67 13.72 -7.93
CA GLY A 446 18.60 13.19 -8.93
C GLY A 446 19.06 14.23 -9.92
N ASN A 447 19.51 13.72 -11.05
CA ASN A 447 20.16 14.49 -12.09
C ASN A 447 19.26 15.03 -13.14
N GLY A 448 18.00 14.62 -13.19
CA GLY A 448 17.07 14.99 -14.20
C GLY A 448 15.78 15.57 -13.66
N PRO A 449 14.81 15.78 -14.56
CA PRO A 449 13.52 16.33 -14.10
C PRO A 449 12.86 15.46 -13.03
N ALA A 450 12.36 16.01 -11.94
CA ALA A 450 11.77 15.26 -10.88
C ALA A 450 10.52 14.54 -11.29
N HIS A 451 9.78 15.12 -12.22
CA HIS A 451 8.42 14.69 -12.49
C HIS A 451 8.20 14.04 -13.82
N ARG A 452 9.26 13.84 -14.60
CA ARG A 452 9.13 13.32 -15.96
C ARG A 452 10.26 12.39 -16.24
N GLY A 453 9.86 11.28 -16.87
CA GLY A 453 10.81 10.31 -17.41
C GLY A 453 11.42 9.37 -16.39
N GLY A 454 12.56 8.81 -16.80
CA GLY A 454 13.26 7.88 -15.92
C GLY A 454 12.67 6.52 -15.86
N LYS A 455 11.85 6.13 -16.84
CA LYS A 455 11.17 4.81 -16.88
C LYS A 455 11.69 3.94 -17.96
N VAL A 456 11.56 2.64 -17.81
CA VAL A 456 12.14 1.68 -18.73
C VAL A 456 11.30 0.42 -18.77
N VAL A 457 11.16 -0.19 -19.93
CA VAL A 457 10.70 -1.56 -20.08
C VAL A 457 11.91 -2.42 -20.41
N SER A 458 12.17 -3.42 -19.58
CA SER A 458 13.26 -4.37 -19.73
C SER A 458 12.71 -5.69 -20.17
N ASP A 459 13.03 -6.15 -21.36
CA ASP A 459 12.50 -7.39 -21.86
C ASP A 459 13.40 -8.58 -21.50
N ALA A 460 12.98 -9.37 -20.56
CA ALA A 460 13.65 -10.59 -20.14
C ALA A 460 13.01 -11.83 -20.77
N LEU A 461 12.26 -11.65 -21.88
CA LEU A 461 11.86 -12.74 -22.74
C LEU A 461 13.03 -13.07 -23.68
N MET A 462 13.30 -14.33 -23.87
CA MET A 462 14.33 -14.78 -24.82
C MET A 462 13.77 -14.82 -26.20
N PRO A 463 14.64 -14.74 -27.23
CA PRO A 463 14.13 -14.62 -28.59
C PRO A 463 13.15 -15.68 -29.03
N THR A 464 13.34 -16.92 -28.70
CA THR A 464 12.46 -17.94 -29.20
C THR A 464 11.15 -17.94 -28.50
N GLU A 465 11.05 -17.18 -27.41
CA GLU A 465 9.74 -17.05 -26.76
C GLU A 465 8.73 -16.30 -27.61
N TYR A 466 9.20 -15.48 -28.53
CA TYR A 466 8.33 -14.79 -29.51
C TYR A 466 8.02 -15.62 -30.73
N THR A 467 8.70 -16.74 -30.96
CA THR A 467 8.63 -17.46 -32.22
C THR A 467 8.22 -18.91 -31.99
N THR A 468 9.12 -19.79 -31.61
CA THR A 468 8.92 -21.22 -31.64
C THR A 468 8.77 -21.85 -30.22
N GLY A 469 9.17 -21.14 -29.19
CA GLY A 469 9.04 -21.60 -27.82
C GLY A 469 10.39 -21.65 -27.12
N ARG A 470 10.37 -21.75 -25.82
CA ARG A 470 11.58 -21.85 -24.97
C ARG A 470 12.46 -22.96 -25.50
N ASN A 471 13.75 -22.65 -25.58
CA ASN A 471 14.78 -23.55 -26.16
C ASN A 471 15.91 -23.88 -25.19
N TRP A 472 15.64 -23.70 -23.90
CA TRP A 472 16.57 -24.09 -22.85
C TRP A 472 15.89 -24.92 -21.80
N GLU A 473 16.74 -25.51 -20.96
CA GLU A 473 16.35 -26.04 -19.70
C GLU A 473 17.18 -25.37 -18.63
N ALA A 474 16.64 -25.14 -17.42
CA ALA A 474 17.46 -24.59 -16.36
C ALA A 474 18.49 -25.65 -15.92
N ALA A 475 19.66 -25.14 -15.56
CA ALA A 475 20.73 -25.90 -14.95
C ALA A 475 20.49 -25.88 -13.43
N ASP A 476 19.44 -26.53 -13.02
CA ASP A 476 19.04 -26.60 -11.63
C ASP A 476 18.59 -28.01 -11.32
N PHE A 477 18.41 -28.30 -10.01
CA PHE A 477 18.00 -29.61 -9.64
C PHE A 477 16.68 -30.01 -10.30
N ASN A 478 15.74 -29.07 -10.34
CA ASN A 478 14.43 -29.38 -10.88
C ASN A 478 14.45 -29.79 -12.33
N GLN A 479 15.22 -29.11 -13.16
CA GLN A 479 15.09 -29.27 -14.57
C GLN A 479 16.18 -30.07 -15.24
N SER A 480 17.28 -30.32 -14.55
N SER A 480 17.33 -30.27 -14.61
CA SER A 480 18.45 -30.92 -15.14
CA SER A 480 18.41 -30.99 -15.29
C SER A 480 18.54 -32.39 -14.88
C SER A 480 18.53 -32.43 -14.93
N TYR A 481 17.56 -32.98 -14.19
CA TYR A 481 17.61 -34.38 -13.76
C TYR A 481 16.23 -34.99 -13.92
N PRO A 482 16.11 -36.27 -14.33
CA PRO A 482 14.81 -36.89 -14.46
C PRO A 482 14.11 -37.06 -13.16
N GLU A 483 12.77 -37.15 -13.30
CA GLU A 483 11.89 -37.30 -12.16
C GLU A 483 12.23 -38.39 -11.17
N ASP A 484 12.54 -39.57 -11.71
N ASP A 484 12.46 -39.56 -11.74
CA ASP A 484 12.82 -40.69 -10.82
CA ASP A 484 12.74 -40.71 -10.91
C ASP A 484 14.10 -40.52 -10.01
C ASP A 484 14.04 -40.50 -10.06
N LEU A 485 15.09 -39.92 -10.64
CA LEU A 485 16.34 -39.59 -9.98
C LEU A 485 16.12 -38.59 -8.87
N LYS A 486 15.42 -37.49 -9.24
CA LYS A 486 15.18 -36.46 -8.22
C LYS A 486 14.54 -37.08 -6.92
N GLN A 487 13.53 -37.91 -7.22
CA GLN A 487 12.79 -38.48 -6.09
C GLN A 487 13.66 -39.41 -5.26
N LYS A 488 14.54 -40.16 -5.93
CA LYS A 488 15.50 -41.01 -5.22
C LYS A 488 16.41 -40.18 -4.34
N VAL A 489 16.97 -39.13 -4.92
CA VAL A 489 17.80 -38.26 -4.12
C VAL A 489 17.10 -37.70 -2.91
N LEU A 490 15.91 -37.19 -3.13
CA LEU A 490 15.14 -36.68 -2.00
C LEU A 490 14.84 -37.75 -0.93
N ASP A 491 14.46 -38.94 -1.42
CA ASP A 491 14.11 -39.99 -0.48
C ASP A 491 15.32 -40.45 0.31
N ASN A 492 16.56 -40.39 -0.21
CA ASN A 492 17.72 -40.83 0.44
C ASN A 492 18.51 -39.74 1.16
N TRP A 493 18.00 -38.51 1.07
CA TRP A 493 18.74 -37.32 1.51
C TRP A 493 19.25 -37.40 2.96
N THR A 494 18.30 -37.58 3.90
CA THR A 494 18.72 -37.63 5.34
C THR A 494 19.48 -38.91 5.64
N LYS A 495 19.16 -40.05 4.96
CA LYS A 495 19.84 -41.32 5.10
C LYS A 495 21.26 -41.16 4.83
N MET A 496 21.57 -40.48 3.67
CA MET A 496 22.98 -40.29 3.26
C MET A 496 23.72 -39.48 4.28
N GLY A 497 23.15 -38.52 4.98
CA GLY A 497 23.81 -37.58 5.96
C GLY A 497 23.53 -36.08 5.78
N PHE A 498 22.64 -35.66 4.85
CA PHE A 498 22.40 -34.24 4.52
C PHE A 498 21.25 -33.70 5.42
N SER A 499 20.94 -32.38 5.45
CA SER A 499 19.89 -31.78 6.31
C SER A 499 18.70 -31.77 5.44
N HIS A 503 11.22 -27.58 8.19
CA HIS A 503 9.75 -27.92 8.20
C HIS A 503 8.91 -26.78 7.63
N HIS A 504 7.94 -27.14 6.81
CA HIS A 504 7.12 -26.12 6.12
C HIS A 504 6.51 -25.08 7.03
N HIS A 505 5.87 -25.47 8.15
CA HIS A 505 5.15 -24.45 8.91
C HIS A 505 6.01 -23.61 9.83
N HIS A 506 7.31 -23.88 9.94
CA HIS A 506 8.14 -23.13 10.92
C9 4LU B . -0.02 4.25 0.88
C8 4LU B . 0.32 3.53 2.07
C7 4LU B . 1.07 4.10 3.11
C10 4LU B . 0.41 7.52 -0.57
C6 4LU B . 1.62 5.41 2.97
N3 4LU B . 0.66 10.20 -0.71
C2 4LU B . 0.04 9.62 -1.77
C13 4LU B . 1.31 7.21 4.67
C5 4LU B . 2.38 6.24 3.93
C1 4LU B . 2.75 7.89 2.21
O2 4LU B . -0.45 10.21 -2.65
N1 4LU B . -0.05 8.19 -1.67
C4 4LU B . 1.20 9.55 0.37
O4 4LU B . 1.74 10.26 1.26
C4A 4LU B . 1.14 8.23 0.36
N5 4LU B . 1.86 7.33 1.48
C3 4LU B . 3.27 7.16 3.26
C12 4LU B . 3.11 5.58 5.10
C5A 4LU B . 1.28 6.07 1.68
C7M 4LU B . 1.26 3.35 4.41
C8M 4LU B . -0.11 2.15 2.13
C9A 4LU B . 0.52 5.52 0.71
N10 4LU B . 0.21 6.21 -0.52
C1' 4LU B . -0.15 5.49 -1.73
C2' 4LU B . -1.70 5.72 -2.09
O2' 4LU B . -2.47 5.24 -0.94
C3' 4LU B . -2.02 4.82 -3.25
O3' 4LU B . -1.27 5.35 -4.37
C4' 4LU B . -3.48 4.86 -3.60
O4' 4LU B . -3.68 4.23 -4.89
C5' 4LU B . -4.10 6.23 -3.57
O5' 4LU B . -5.57 6.09 -3.72
P 4LU B . -6.30 6.68 -5.00
O2P 4LU B . -7.77 6.64 -4.60
O3P 4LU B . -5.98 5.67 -6.09
O1P 4LU B . -5.72 8.07 -5.27
O1 FZZ C . 1.49 11.06 0.97
C1 FZZ C . 1.03 10.25 0.19
N1 FZZ C . 0.36 10.67 -0.90
C2 FZZ C . -0.21 9.78 -1.72
O2 FZZ C . -0.89 10.24 -2.71
N2 FZZ C . -0.22 8.42 -1.54
C3 FZZ C . 1.13 8.83 0.43
N3 FZZ C . 2.10 8.52 1.39
C4 FZZ C . 2.09 7.44 1.99
C5 FZZ C . 3.19 7.15 3.07
C6 FZZ C . 2.36 6.26 3.98
C7 FZZ C . 3.28 5.50 4.98
C8 FZZ C . 1.40 7.16 4.81
C9 FZZ C . 1.54 5.44 3.00
C10 FZZ C . 1.00 4.17 3.13
C11 FZZ C . 1.15 3.33 4.44
C12 FZZ C . 0.24 3.64 2.06
C13 FZZ C . -0.31 2.29 2.11
C14 FZZ C . 0.01 4.45 0.92
C15 FZZ C . 1.32 6.17 1.84
C16 FZZ C . 0.53 5.73 0.84
C17 FZZ C . 0.47 7.86 -0.50
N4 FZZ C . 0.33 6.46 -0.41
C18 FZZ C . -0.17 5.84 -1.60
C19 FZZ C . -1.61 5.76 -1.93
O3 FZZ C . -2.41 5.48 -0.83
C20 FZZ C . -1.97 4.98 -3.15
O4 FZZ C . -1.22 5.51 -4.28
C21 FZZ C . -3.45 4.92 -3.46
O5 FZZ C . -3.65 4.28 -4.72
C22 FZZ C . -4.10 6.27 -3.54
O6 FZZ C . -5.57 6.08 -3.72
P1 FZZ C . -6.28 6.68 -4.99
O7 FZZ C . -6.06 5.71 -6.08
O8 FZZ C . -7.78 6.66 -4.60
O9 FZZ C . -5.73 8.03 -5.28
MN MN D . -9.56 6.20 -5.73
K K E . -7.74 4.08 -3.37
K K F . 15.59 -10.33 -23.98
C1 4LV G . 5.84 7.37 -0.46
O 4LV G . 4.38 9.87 1.70
C 4LV G . 5.31 9.18 1.20
OXT 4LV G . 6.35 9.11 1.81
CA 4LV G . 5.04 8.50 -0.13
CB 4LV G . 4.07 9.07 -0.87
CG 4LV G . 3.46 8.56 -2.12
CD2 4LV G . 3.39 7.22 -2.29
CE2 4LV G . 2.77 6.58 -3.42
CZ 4LV G . 2.13 7.50 -4.35
CE1 4LV G . 2.21 8.89 -4.16
CD1 4LV G . 2.87 9.41 -3.07
#